data_2ME1
#
_entry.id   2ME1
#
_entity_poly.entity_id   1
_entity_poly.type   'polypeptide(L)'
_entity_poly.pdbx_seq_one_letter_code
;EQELLELDKWASLWAWFAITNWLWYIK
;
_entity_poly.pdbx_strand_id   A
#
# COMPACT_ATOMS: atom_id res chain seq x y z
N GLU A 1 2.80 -22.63 -0.68
CA GLU A 1 2.77 -21.46 0.25
C GLU A 1 3.28 -20.21 -0.49
N GLN A 2 3.25 -19.08 0.17
CA GLN A 2 3.73 -17.82 -0.48
C GLN A 2 4.25 -16.85 0.57
N GLU A 3 5.49 -16.44 0.45
CA GLU A 3 6.06 -15.50 1.45
C GLU A 3 5.99 -14.05 0.90
N LEU A 4 6.92 -13.22 1.26
CA LEU A 4 6.90 -11.82 0.77
C LEU A 4 7.72 -11.68 -0.52
N LEU A 5 8.03 -12.77 -1.15
CA LEU A 5 8.83 -12.72 -2.41
C LEU A 5 7.91 -12.69 -3.62
N GLU A 6 6.67 -12.98 -3.40
CA GLU A 6 5.67 -12.99 -4.52
C GLU A 6 5.22 -11.56 -4.83
N LEU A 7 4.99 -11.26 -6.08
CA LEU A 7 4.54 -9.88 -6.45
C LEU A 7 3.28 -9.51 -5.69
N ASP A 8 2.42 -10.45 -5.44
CA ASP A 8 1.16 -10.18 -4.69
C ASP A 8 1.47 -9.56 -3.34
N LYS A 9 2.30 -10.20 -2.55
CA LYS A 9 2.65 -9.65 -1.21
C LYS A 9 3.27 -8.26 -1.36
N TRP A 10 3.98 -8.04 -2.43
CA TRP A 10 4.62 -6.70 -2.65
C TRP A 10 3.65 -5.75 -3.34
N ALA A 11 2.60 -6.26 -3.93
CA ALA A 11 1.64 -5.38 -4.65
C ALA A 11 0.90 -4.46 -3.68
N SER A 12 0.57 -4.95 -2.51
CA SER A 12 -0.17 -4.09 -1.54
C SER A 12 0.72 -2.92 -1.10
N LEU A 13 2.00 -3.03 -1.28
CA LEU A 13 2.90 -1.91 -0.88
C LEU A 13 2.82 -0.78 -1.90
N TRP A 14 2.82 -1.13 -3.17
CA TRP A 14 2.70 -0.08 -4.23
C TRP A 14 1.39 0.69 -4.01
N ALA A 15 0.37 0.02 -3.55
CA ALA A 15 -0.92 0.70 -3.29
C ALA A 15 -0.79 1.57 -2.04
N TRP A 16 0.10 1.19 -1.15
CA TRP A 16 0.28 1.94 0.12
C TRP A 16 0.74 3.38 -0.13
N PHE A 17 1.78 3.57 -0.90
CA PHE A 17 2.25 4.97 -1.15
C PHE A 17 1.07 5.88 -1.49
N ALA A 18 0.21 5.46 -2.38
CA ALA A 18 -0.97 6.29 -2.76
C ALA A 18 -2.02 6.40 -1.64
N ILE A 19 -1.69 6.02 -0.43
CA ILE A 19 -2.68 6.14 0.69
C ILE A 19 -2.87 7.61 1.07
N THR A 20 -3.33 8.41 0.16
CA THR A 20 -3.53 9.86 0.45
C THR A 20 -4.92 10.08 1.05
N ASN A 21 -5.40 9.16 1.84
CA ASN A 21 -6.74 9.32 2.47
C ASN A 21 -6.58 9.99 3.84
N TRP A 22 -5.36 10.20 4.29
CA TRP A 22 -5.15 10.86 5.61
C TRP A 22 -4.97 12.38 5.45
N LEU A 23 -4.86 12.82 4.24
CA LEU A 23 -4.67 14.28 3.99
C LEU A 23 -5.95 15.06 4.27
N TRP A 24 -7.09 14.44 4.10
CA TRP A 24 -8.37 15.15 4.36
C TRP A 24 -8.46 15.55 5.82
N TYR A 25 -7.77 14.87 6.70
CA TYR A 25 -7.82 15.26 8.14
C TYR A 25 -7.31 16.69 8.28
N ILE A 26 -6.50 17.14 7.36
CA ILE A 26 -5.98 18.53 7.43
C ILE A 26 -6.74 19.42 6.44
N LYS A 27 -7.80 20.02 6.88
CA LYS A 27 -8.60 20.91 5.99
C LYS A 27 -7.87 22.23 5.76
N GLU A 1 2.53 -17.74 8.81
CA GLU A 1 2.60 -18.13 7.37
C GLU A 1 2.49 -16.90 6.48
N GLN A 2 3.53 -16.10 6.41
CA GLN A 2 3.48 -14.87 5.57
C GLN A 2 4.66 -14.87 4.59
N GLU A 3 4.37 -14.88 3.30
CA GLU A 3 5.46 -14.87 2.29
C GLU A 3 5.72 -13.45 1.80
N LEU A 4 6.74 -12.82 2.30
CA LEU A 4 7.06 -11.43 1.88
C LEU A 4 8.03 -11.43 0.69
N LEU A 5 8.19 -12.55 0.06
CA LEU A 5 9.13 -12.63 -1.10
C LEU A 5 8.35 -12.60 -2.42
N GLU A 6 7.07 -12.71 -2.32
CA GLU A 6 6.21 -12.69 -3.54
C GLU A 6 5.74 -11.26 -3.84
N LEU A 7 5.36 -11.00 -5.07
CA LEU A 7 4.90 -9.63 -5.43
C LEU A 7 3.54 -9.34 -4.78
N ASP A 8 2.83 -10.35 -4.37
CA ASP A 8 1.51 -10.14 -3.72
C ASP A 8 1.68 -9.40 -2.39
N LYS A 9 2.47 -9.94 -1.50
CA LYS A 9 2.69 -9.26 -0.19
C LYS A 9 3.30 -7.87 -0.42
N TRP A 10 4.10 -7.72 -1.44
CA TRP A 10 4.73 -6.40 -1.72
C TRP A 10 3.78 -5.53 -2.55
N ALA A 11 2.79 -6.12 -3.16
CA ALA A 11 1.86 -5.32 -4.01
C ALA A 11 1.04 -4.35 -3.17
N SER A 12 0.65 -4.76 -1.98
CA SER A 12 -0.16 -3.86 -1.12
C SER A 12 0.66 -2.63 -0.72
N LEU A 13 1.95 -2.68 -0.88
CA LEU A 13 2.79 -1.50 -0.52
C LEU A 13 2.75 -0.47 -1.65
N TRP A 14 2.87 -0.92 -2.88
CA TRP A 14 2.80 0.03 -4.02
C TRP A 14 1.45 0.75 -3.97
N ALA A 15 0.43 0.06 -3.54
CA ALA A 15 -0.92 0.70 -3.44
C ALA A 15 -0.90 1.68 -2.25
N TRP A 16 -0.08 1.38 -1.28
CA TRP A 16 -0.02 2.23 -0.05
C TRP A 16 0.38 3.67 -0.38
N PHE A 17 1.44 3.88 -1.09
CA PHE A 17 1.87 5.27 -1.42
C PHE A 17 0.69 6.08 -1.98
N ALA A 18 -0.04 5.54 -2.92
CA ALA A 18 -1.18 6.29 -3.51
C ALA A 18 -2.37 6.42 -2.54
N ILE A 19 -2.20 6.09 -1.29
CA ILE A 19 -3.33 6.22 -0.32
C ILE A 19 -3.33 7.62 0.28
N THR A 20 -3.52 8.61 -0.53
CA THR A 20 -3.53 10.02 -0.02
C THR A 20 -4.93 10.38 0.52
N ASN A 21 -5.62 9.43 1.09
CA ASN A 21 -6.98 9.71 1.65
C ASN A 21 -6.87 10.12 3.13
N TRP A 22 -5.73 9.93 3.73
CA TRP A 22 -5.57 10.31 5.17
C TRP A 22 -5.12 11.78 5.30
N LEU A 23 -4.81 12.39 4.19
CA LEU A 23 -4.35 13.81 4.22
C LEU A 23 -5.51 14.76 4.56
N TRP A 24 -6.71 14.40 4.23
CA TRP A 24 -7.87 15.29 4.53
C TRP A 24 -8.03 15.45 6.04
N TYR A 25 -7.55 14.53 6.83
CA TYR A 25 -7.67 14.69 8.31
C TYR A 25 -6.93 15.96 8.73
N ILE A 26 -5.93 16.34 8.00
CA ILE A 26 -5.17 17.57 8.36
C ILE A 26 -5.60 18.72 7.45
N LYS A 27 -6.57 19.48 7.86
CA LYS A 27 -7.05 20.62 7.03
C LYS A 27 -6.29 21.90 7.39
N GLU A 1 -0.40 -15.16 0.40
CA GLU A 1 -0.61 -16.29 -0.56
C GLU A 1 0.71 -16.70 -1.20
N GLN A 2 1.53 -15.75 -1.57
CA GLN A 2 2.84 -16.09 -2.20
C GLN A 2 3.98 -15.46 -1.40
N GLU A 3 5.15 -15.39 -1.99
CA GLU A 3 6.31 -14.79 -1.27
C GLU A 3 6.48 -13.32 -1.68
N LEU A 4 7.69 -12.83 -1.69
CA LEU A 4 7.92 -11.41 -2.09
C LEU A 4 8.41 -11.33 -3.54
N LEU A 5 8.27 -12.39 -4.28
CA LEU A 5 8.73 -12.38 -5.69
C LEU A 5 7.54 -12.18 -6.63
N GLU A 6 6.36 -12.28 -6.09
CA GLU A 6 5.14 -12.10 -6.92
C GLU A 6 4.60 -10.68 -6.78
N LEU A 7 3.99 -10.16 -7.81
CA LEU A 7 3.44 -8.77 -7.73
C LEU A 7 2.32 -8.68 -6.70
N ASP A 8 1.79 -9.80 -6.28
CA ASP A 8 0.70 -9.78 -5.27
C ASP A 8 1.22 -9.24 -3.93
N LYS A 9 2.19 -9.89 -3.36
CA LYS A 9 2.75 -9.41 -2.05
C LYS A 9 3.32 -8.01 -2.22
N TRP A 10 3.84 -7.70 -3.38
CA TRP A 10 4.41 -6.34 -3.61
C TRP A 10 3.32 -5.35 -4.02
N ALA A 11 2.19 -5.85 -4.44
CA ALA A 11 1.11 -4.92 -4.88
C ALA A 11 0.55 -4.10 -3.73
N SER A 12 0.45 -4.68 -2.56
CA SER A 12 -0.09 -3.92 -1.39
C SER A 12 0.85 -2.77 -1.03
N LEU A 13 2.07 -2.81 -1.49
CA LEU A 13 3.02 -1.72 -1.18
C LEU A 13 2.76 -0.53 -2.09
N TRP A 14 2.55 -0.78 -3.36
CA TRP A 14 2.23 0.33 -4.31
C TRP A 14 0.98 1.03 -3.80
N ALA A 15 0.07 0.28 -3.22
CA ALA A 15 -1.16 0.89 -2.67
C ALA A 15 -0.80 1.67 -1.40
N TRP A 16 0.24 1.24 -0.73
CA TRP A 16 0.66 1.89 0.54
C TRP A 16 1.07 3.34 0.29
N PHE A 17 1.97 3.58 -0.61
CA PHE A 17 2.40 5.00 -0.87
C PHE A 17 1.17 5.88 -1.13
N ALA A 18 0.27 5.42 -1.96
CA ALA A 18 -0.94 6.24 -2.29
C ALA A 18 -1.95 6.29 -1.13
N ILE A 19 -1.57 5.90 0.07
CA ILE A 19 -2.52 5.97 1.23
C ILE A 19 -2.76 7.43 1.62
N THR A 20 -3.29 8.20 0.73
CA THR A 20 -3.56 9.64 1.01
C THR A 20 -4.94 9.80 1.65
N ASN A 21 -5.35 8.83 2.43
CA ASN A 21 -6.69 8.92 3.08
C ASN A 21 -6.57 9.71 4.40
N TRP A 22 -5.37 9.89 4.88
CA TRP A 22 -5.20 10.65 6.15
C TRP A 22 -4.90 12.13 5.87
N LEU A 23 -4.42 12.40 4.68
CA LEU A 23 -4.10 13.80 4.30
C LEU A 23 -5.38 14.61 4.09
N TRP A 24 -6.44 13.98 3.67
CA TRP A 24 -7.73 14.71 3.45
C TRP A 24 -8.21 15.35 4.75
N TYR A 25 -7.81 14.82 5.88
CA TYR A 25 -8.25 15.43 7.17
C TYR A 25 -7.82 16.90 7.21
N ILE A 26 -6.78 17.23 6.48
CA ILE A 26 -6.31 18.64 6.47
C ILE A 26 -6.72 19.30 5.15
N LYS A 27 -7.85 19.93 5.14
CA LYS A 27 -8.33 20.61 3.90
C LYS A 27 -7.97 22.09 3.93
N GLU A 1 7.19 -14.71 7.08
CA GLU A 1 6.01 -15.54 7.50
C GLU A 1 5.53 -16.39 6.31
N GLN A 2 5.23 -15.77 5.20
CA GLN A 2 4.75 -16.54 4.02
C GLN A 2 5.54 -16.13 2.77
N GLU A 3 5.07 -16.50 1.62
CA GLU A 3 5.78 -16.13 0.35
C GLU A 3 5.74 -14.62 0.15
N LEU A 4 6.73 -13.93 0.63
CA LEU A 4 6.76 -12.44 0.47
C LEU A 4 7.52 -12.04 -0.80
N LEU A 5 7.74 -12.98 -1.68
CA LEU A 5 8.47 -12.67 -2.94
C LEU A 5 7.48 -12.47 -4.09
N GLU A 6 6.26 -12.82 -3.85
CA GLU A 6 5.21 -12.68 -4.91
C GLU A 6 4.75 -11.21 -4.99
N LEU A 7 4.27 -10.79 -6.13
CA LEU A 7 3.80 -9.40 -6.28
C LEU A 7 2.57 -9.13 -5.41
N ASP A 8 1.94 -10.18 -4.93
CA ASP A 8 0.73 -9.99 -4.07
C ASP A 8 1.11 -9.30 -2.76
N LYS A 9 1.99 -9.89 -2.00
CA LYS A 9 2.41 -9.28 -0.70
C LYS A 9 3.05 -7.91 -0.96
N TRP A 10 3.72 -7.76 -2.08
CA TRP A 10 4.37 -6.45 -2.39
C TRP A 10 3.37 -5.49 -3.06
N ALA A 11 2.28 -6.02 -3.56
CA ALA A 11 1.30 -5.13 -4.25
C ALA A 11 0.64 -4.15 -3.28
N SER A 12 0.37 -4.58 -2.08
CA SER A 12 -0.28 -3.67 -1.10
C SER A 12 0.64 -2.50 -0.75
N LEU A 13 1.90 -2.60 -1.08
CA LEU A 13 2.84 -1.49 -0.79
C LEU A 13 2.75 -0.43 -1.88
N TRP A 14 2.71 -0.85 -3.13
CA TRP A 14 2.57 0.14 -4.24
C TRP A 14 1.28 0.93 -4.01
N ALA A 15 0.28 0.28 -3.49
CA ALA A 15 -1.00 0.99 -3.21
C ALA A 15 -0.79 1.92 -2.02
N TRP A 16 0.12 1.55 -1.15
CA TRP A 16 0.38 2.35 0.07
C TRP A 16 0.86 3.76 -0.28
N PHE A 17 1.88 3.91 -1.07
CA PHE A 17 2.36 5.29 -1.40
C PHE A 17 1.18 6.21 -1.73
N ALA A 18 0.28 5.76 -2.56
CA ALA A 18 -0.88 6.62 -2.96
C ALA A 18 -2.02 6.61 -1.92
N ILE A 19 -1.80 6.13 -0.72
CA ILE A 19 -2.90 6.14 0.28
C ILE A 19 -3.07 7.52 0.88
N THR A 20 -3.56 8.43 0.11
CA THR A 20 -3.77 9.82 0.58
C THR A 20 -5.15 9.96 1.24
N ASN A 21 -5.61 8.93 1.88
CA ASN A 21 -6.94 8.99 2.55
C ASN A 21 -6.78 9.58 3.96
N TRP A 22 -5.58 9.61 4.46
CA TRP A 22 -5.36 10.17 5.83
C TRP A 22 -4.95 11.64 5.75
N LEU A 23 -4.45 12.06 4.61
CA LEU A 23 -4.01 13.47 4.44
C LEU A 23 -5.22 14.41 4.37
N TRP A 24 -6.34 13.93 3.89
CA TRP A 24 -7.55 14.80 3.80
C TRP A 24 -7.98 15.25 5.19
N TYR A 25 -7.61 14.55 6.22
CA TYR A 25 -8.00 14.98 7.59
C TYR A 25 -7.45 16.40 7.83
N ILE A 26 -6.41 16.75 7.15
CA ILE A 26 -5.83 18.12 7.32
C ILE A 26 -6.23 19.00 6.14
N LYS A 27 -7.31 19.70 6.26
CA LYS A 27 -7.77 20.58 5.15
C LYS A 27 -7.04 21.93 5.21
N GLU A 1 -0.41 -15.62 9.51
CA GLU A 1 -0.01 -16.72 8.60
C GLU A 1 1.23 -16.31 7.79
N GLN A 2 1.05 -15.45 6.82
CA GLN A 2 2.21 -15.01 5.99
C GLN A 2 2.57 -13.56 6.32
N GLU A 3 3.84 -13.24 6.32
CA GLU A 3 4.26 -11.85 6.65
C GLU A 3 4.48 -11.06 5.34
N LEU A 4 5.43 -10.15 5.33
CA LEU A 4 5.69 -9.34 4.11
C LEU A 4 6.73 -9.99 3.20
N LEU A 5 7.03 -11.24 3.41
CA LEU A 5 8.06 -11.92 2.56
C LEU A 5 7.43 -12.47 1.27
N GLU A 6 6.19 -12.17 1.04
CA GLU A 6 5.52 -12.67 -0.20
C GLU A 6 5.40 -11.56 -1.24
N LEU A 7 5.30 -11.90 -2.50
CA LEU A 7 5.19 -10.86 -3.55
C LEU A 7 3.94 -10.01 -3.33
N ASP A 8 2.78 -10.58 -3.50
CA ASP A 8 1.51 -9.81 -3.31
C ASP A 8 1.54 -9.08 -1.96
N LYS A 9 2.17 -9.65 -0.97
CA LYS A 9 2.24 -8.96 0.35
C LYS A 9 2.91 -7.60 0.20
N TRP A 10 3.88 -7.50 -0.66
CA TRP A 10 4.58 -6.21 -0.88
C TRP A 10 3.80 -5.36 -1.89
N ALA A 11 2.95 -5.98 -2.65
CA ALA A 11 2.18 -5.22 -3.69
C ALA A 11 1.23 -4.22 -3.04
N SER A 12 0.61 -4.59 -1.94
CA SER A 12 -0.33 -3.66 -1.27
C SER A 12 0.40 -2.42 -0.78
N LEU A 13 1.70 -2.50 -0.64
CA LEU A 13 2.46 -1.31 -0.16
C LEU A 13 2.59 -0.30 -1.30
N TRP A 14 2.88 -0.78 -2.49
CA TRP A 14 2.99 0.14 -3.66
C TRP A 14 1.66 0.87 -3.82
N ALA A 15 0.57 0.19 -3.53
CA ALA A 15 -0.76 0.84 -3.66
C ALA A 15 -0.94 1.84 -2.51
N TRP A 16 -0.29 1.57 -1.40
CA TRP A 16 -0.43 2.45 -0.21
C TRP A 16 -0.01 3.88 -0.50
N PHE A 17 1.15 4.10 -1.06
CA PHE A 17 1.61 5.48 -1.33
C PHE A 17 0.52 6.30 -2.05
N ALA A 18 -0.08 5.74 -3.08
CA ALA A 18 -1.14 6.50 -3.81
C ALA A 18 -2.46 6.63 -3.01
N ILE A 19 -2.45 6.28 -1.75
CA ILE A 19 -3.68 6.39 -0.93
C ILE A 19 -3.74 7.79 -0.29
N THR A 20 -3.86 8.79 -1.10
CA THR A 20 -3.92 10.18 -0.55
C THR A 20 -5.24 10.44 0.18
N ASN A 21 -5.77 9.43 0.83
CA ASN A 21 -7.05 9.62 1.58
C ASN A 21 -6.74 9.92 3.05
N TRP A 22 -5.49 9.84 3.44
CA TRP A 22 -5.16 10.11 4.88
C TRP A 22 -4.76 11.59 5.06
N LEU A 23 -4.60 12.30 3.99
CA LEU A 23 -4.21 13.74 4.08
C LEU A 23 -5.39 14.58 4.58
N TRP A 24 -6.60 14.17 4.30
CA TRP A 24 -7.78 14.95 4.76
C TRP A 24 -7.82 15.00 6.28
N TYR A 25 -7.24 14.03 6.94
CA TYR A 25 -7.25 14.07 8.44
C TYR A 25 -6.46 15.29 8.90
N ILE A 26 -5.53 15.75 8.12
CA ILE A 26 -4.75 16.95 8.51
C ILE A 26 -5.27 18.16 7.75
N LYS A 27 -6.21 18.85 8.32
CA LYS A 27 -6.77 20.07 7.64
C LYS A 27 -5.87 21.28 7.88
N GLU A 1 7.54 -14.40 5.32
CA GLU A 1 6.39 -15.22 5.83
C GLU A 1 5.78 -16.04 4.70
N GLN A 2 5.67 -15.47 3.53
CA GLN A 2 5.08 -16.21 2.38
C GLN A 2 5.82 -15.85 1.08
N GLU A 3 5.28 -16.25 -0.04
CA GLU A 3 5.94 -15.93 -1.34
C GLU A 3 6.04 -14.41 -1.51
N LEU A 4 7.14 -13.84 -1.12
CA LEU A 4 7.31 -12.36 -1.26
C LEU A 4 7.98 -12.02 -2.59
N LEU A 5 8.01 -12.96 -3.49
CA LEU A 5 8.65 -12.69 -4.82
C LEU A 5 7.58 -12.45 -5.88
N GLU A 6 6.36 -12.68 -5.53
CA GLU A 6 5.25 -12.47 -6.50
C GLU A 6 4.76 -11.02 -6.43
N LEU A 7 4.12 -10.56 -7.47
CA LEU A 7 3.61 -9.16 -7.47
C LEU A 7 2.45 -9.00 -6.49
N ASP A 8 1.86 -10.09 -6.06
CA ASP A 8 0.72 -10.00 -5.11
C ASP A 8 1.21 -9.44 -3.76
N LYS A 9 2.15 -10.09 -3.13
CA LYS A 9 2.66 -9.60 -1.83
C LYS A 9 3.26 -8.21 -2.00
N TRP A 10 3.82 -7.92 -3.14
CA TRP A 10 4.43 -6.58 -3.38
C TRP A 10 3.36 -5.59 -3.86
N ALA A 11 2.24 -6.09 -4.32
CA ALA A 11 1.18 -5.16 -4.83
C ALA A 11 0.59 -4.30 -3.71
N SER A 12 0.44 -4.85 -2.54
CA SER A 12 -0.14 -4.05 -1.42
C SER A 12 0.80 -2.90 -1.05
N LEU A 13 2.04 -2.97 -1.46
CA LEU A 13 3.00 -1.88 -1.14
C LEU A 13 2.78 -0.70 -2.09
N TRP A 14 2.59 -0.99 -3.36
CA TRP A 14 2.33 0.10 -4.34
C TRP A 14 1.07 0.84 -3.88
N ALA A 15 0.14 0.11 -3.33
CA ALA A 15 -1.11 0.76 -2.83
C ALA A 15 -0.77 1.56 -1.57
N TRP A 16 0.24 1.12 -0.85
CA TRP A 16 0.62 1.79 0.41
C TRP A 16 1.05 3.24 0.16
N PHE A 17 1.98 3.46 -0.73
CA PHE A 17 2.44 4.86 -1.00
C PHE A 17 1.24 5.76 -1.30
N ALA A 18 0.34 5.31 -2.14
CA ALA A 18 -0.85 6.14 -2.50
C ALA A 18 -1.86 6.26 -1.34
N ILE A 19 -1.49 5.90 -0.13
CA ILE A 19 -2.45 6.03 1.01
C ILE A 19 -2.57 7.50 1.41
N THR A 20 -3.00 8.32 0.50
CA THR A 20 -3.15 9.77 0.80
C THR A 20 -4.54 10.05 1.41
N ASN A 21 -5.06 9.12 2.16
CA ASN A 21 -6.38 9.33 2.81
C ASN A 21 -6.24 10.14 4.10
N TRP A 22 -5.06 10.16 4.65
CA TRP A 22 -4.85 10.94 5.92
C TRP A 22 -4.77 12.44 5.62
N LEU A 23 -4.64 12.79 4.37
CA LEU A 23 -4.54 14.23 3.99
C LEU A 23 -5.91 14.91 4.11
N TRP A 24 -6.97 14.18 3.93
CA TRP A 24 -8.33 14.79 4.03
C TRP A 24 -8.57 15.33 5.44
N TYR A 25 -7.87 14.82 6.42
CA TYR A 25 -8.07 15.35 7.81
C TYR A 25 -7.79 16.86 7.81
N ILE A 26 -7.00 17.32 6.87
CA ILE A 26 -6.70 18.78 6.80
C ILE A 26 -7.48 19.42 5.66
N LYS A 27 -8.64 19.92 5.96
CA LYS A 27 -9.48 20.57 4.90
C LYS A 27 -9.47 22.08 5.07
N GLU A 1 5.54 -23.53 -7.23
CA GLU A 1 4.92 -22.83 -6.07
C GLU A 1 5.14 -21.32 -6.18
N GLN A 2 4.95 -20.61 -5.10
CA GLN A 2 5.15 -19.13 -5.13
C GLN A 2 6.29 -18.73 -4.20
N GLU A 3 7.21 -17.94 -4.67
CA GLU A 3 8.35 -17.51 -3.80
C GLU A 3 8.06 -16.12 -3.21
N LEU A 4 9.07 -15.34 -2.96
CA LEU A 4 8.84 -13.98 -2.38
C LEU A 4 8.82 -12.92 -3.49
N LEU A 5 8.69 -13.34 -4.72
CA LEU A 5 8.66 -12.37 -5.85
C LEU A 5 7.24 -12.19 -6.35
N GLU A 6 6.32 -12.92 -5.80
CA GLU A 6 4.90 -12.81 -6.22
C GLU A 6 4.35 -11.42 -5.90
N LEU A 7 3.59 -10.86 -6.79
CA LEU A 7 3.03 -9.49 -6.55
C LEU A 7 1.95 -9.54 -5.47
N ASP A 8 1.43 -10.69 -5.18
CA ASP A 8 0.36 -10.80 -4.13
C ASP A 8 0.84 -10.17 -2.82
N LYS A 9 2.11 -10.31 -2.51
CA LYS A 9 2.64 -9.72 -1.24
C LYS A 9 3.21 -8.32 -1.50
N TRP A 10 3.73 -8.09 -2.68
CA TRP A 10 4.32 -6.76 -3.00
C TRP A 10 3.25 -5.80 -3.52
N ALA A 11 2.12 -6.32 -3.93
CA ALA A 11 1.06 -5.43 -4.48
C ALA A 11 0.50 -4.51 -3.40
N SER A 12 0.38 -5.01 -2.19
CA SER A 12 -0.16 -4.16 -1.09
C SER A 12 0.82 -3.03 -0.77
N LEU A 13 2.04 -3.12 -1.24
CA LEU A 13 3.03 -2.06 -0.96
C LEU A 13 2.90 -0.95 -2.00
N TRP A 14 2.78 -1.30 -3.25
CA TRP A 14 2.63 -0.27 -4.31
C TRP A 14 1.43 0.63 -3.96
N ALA A 15 0.44 0.06 -3.33
CA ALA A 15 -0.75 0.85 -2.93
C ALA A 15 -0.41 1.76 -1.74
N TRP A 16 0.61 1.41 -1.01
CA TRP A 16 0.99 2.19 0.21
C TRP A 16 1.27 3.66 -0.11
N PHE A 17 2.13 3.93 -1.04
CA PHE A 17 2.46 5.34 -1.36
C PHE A 17 1.21 6.15 -1.70
N ALA A 18 0.33 5.61 -2.52
CA ALA A 18 -0.90 6.38 -2.91
C ALA A 18 -1.93 6.45 -1.77
N ILE A 19 -1.57 6.12 -0.56
CA ILE A 19 -2.56 6.20 0.56
C ILE A 19 -2.77 7.65 0.98
N THR A 20 -3.21 8.46 0.07
CA THR A 20 -3.45 9.90 0.38
C THR A 20 -4.86 10.10 0.96
N ASN A 21 -5.35 9.14 1.69
CA ASN A 21 -6.72 9.26 2.30
C ASN A 21 -6.64 9.94 3.67
N TRP A 22 -5.47 10.04 4.23
CA TRP A 22 -5.33 10.70 5.57
C TRP A 22 -5.15 12.21 5.43
N LEU A 23 -5.01 12.67 4.22
CA LEU A 23 -4.81 14.13 3.98
C LEU A 23 -6.06 14.94 4.30
N TRP A 24 -7.24 14.39 4.12
CA TRP A 24 -8.48 15.18 4.42
C TRP A 24 -8.50 15.55 5.91
N TYR A 25 -7.80 14.82 6.74
CA TYR A 25 -7.82 15.17 8.18
C TYR A 25 -7.35 16.62 8.35
N ILE A 26 -6.58 17.11 7.41
CA ILE A 26 -6.10 18.52 7.50
C ILE A 26 -6.90 19.39 6.54
N LYS A 27 -7.95 19.98 7.03
CA LYS A 27 -8.78 20.86 6.16
C LYS A 27 -8.06 22.18 5.88
N GLU A 1 7.72 -13.51 6.63
CA GLU A 1 6.53 -14.35 6.95
C GLU A 1 6.29 -15.38 5.85
N GLN A 2 6.59 -15.04 4.63
CA GLN A 2 6.38 -15.99 3.50
C GLN A 2 7.12 -15.52 2.25
N GLU A 3 6.74 -16.00 1.10
CA GLU A 3 7.43 -15.57 -0.15
C GLU A 3 7.27 -14.07 -0.36
N LEU A 4 8.20 -13.30 0.12
CA LEU A 4 8.11 -11.82 -0.05
C LEU A 4 8.82 -11.38 -1.33
N LEU A 5 9.08 -12.29 -2.21
CA LEU A 5 9.77 -11.92 -3.49
C LEU A 5 8.76 -11.85 -4.63
N GLU A 6 7.56 -12.28 -4.36
CA GLU A 6 6.50 -12.25 -5.42
C GLU A 6 5.89 -10.85 -5.51
N LEU A 7 5.52 -10.44 -6.69
CA LEU A 7 4.92 -9.07 -6.86
C LEU A 7 3.59 -8.99 -6.11
N ASP A 8 3.02 -10.10 -5.75
CA ASP A 8 1.72 -10.08 -5.00
C ASP A 8 1.92 -9.48 -3.61
N LYS A 9 2.77 -10.08 -2.82
CA LYS A 9 3.00 -9.54 -1.45
C LYS A 9 3.57 -8.12 -1.54
N TRP A 10 4.29 -7.83 -2.59
CA TRP A 10 4.87 -6.47 -2.77
C TRP A 10 3.85 -5.54 -3.44
N ALA A 11 2.84 -6.10 -4.05
CA ALA A 11 1.85 -5.23 -4.76
C ALA A 11 1.05 -4.38 -3.76
N SER A 12 0.73 -4.93 -2.62
CA SER A 12 -0.05 -4.15 -1.63
C SER A 12 0.78 -2.96 -1.12
N LEU A 13 2.07 -3.01 -1.30
CA LEU A 13 2.91 -1.87 -0.85
C LEU A 13 2.79 -0.72 -1.85
N TRP A 14 2.83 -1.03 -3.13
CA TRP A 14 2.68 0.03 -4.16
C TRP A 14 1.34 0.72 -3.94
N ALA A 15 0.34 -0.02 -3.51
CA ALA A 15 -1.00 0.58 -3.25
C ALA A 15 -0.91 1.43 -1.99
N TRP A 16 -0.02 1.07 -1.10
CA TRP A 16 0.11 1.79 0.20
C TRP A 16 0.54 3.24 -0.03
N PHE A 17 1.58 3.49 -0.76
CA PHE A 17 2.02 4.90 -0.98
C PHE A 17 0.82 5.77 -1.35
N ALA A 18 0.01 5.32 -2.27
CA ALA A 18 -1.18 6.12 -2.71
C ALA A 18 -2.25 6.24 -1.59
N ILE A 19 -1.92 5.90 -0.37
CA ILE A 19 -2.93 6.03 0.73
C ILE A 19 -3.04 7.49 1.15
N THR A 20 -3.41 8.33 0.23
CA THR A 20 -3.55 9.79 0.55
C THR A 20 -4.94 10.09 1.09
N ASN A 21 -5.50 9.19 1.84
CA ASN A 21 -6.85 9.42 2.43
C ASN A 21 -6.71 10.06 3.81
N TRP A 22 -5.51 10.19 4.31
CA TRP A 22 -5.31 10.80 5.65
C TRP A 22 -5.01 12.30 5.54
N LEU A 23 -4.79 12.76 4.33
CA LEU A 23 -4.49 14.21 4.12
C LEU A 23 -5.73 15.08 4.29
N TRP A 24 -6.88 14.54 3.98
CA TRP A 24 -8.14 15.33 4.12
C TRP A 24 -8.35 15.75 5.58
N TYR A 25 -7.80 15.01 6.51
CA TYR A 25 -7.96 15.40 7.93
C TYR A 25 -7.31 16.77 8.16
N ILE A 26 -6.34 17.11 7.35
CA ILE A 26 -5.68 18.43 7.50
C ILE A 26 -6.18 19.39 6.42
N LYS A 27 -7.21 20.12 6.69
CA LYS A 27 -7.75 21.08 5.69
C LYS A 27 -7.36 22.51 6.04
N GLU A 1 0.19 -17.13 0.51
CA GLU A 1 -0.01 -16.35 1.76
C GLU A 1 1.33 -15.80 2.27
N GLN A 2 2.36 -16.61 2.23
CA GLN A 2 3.69 -16.13 2.71
C GLN A 2 4.67 -16.04 1.55
N GLU A 3 4.18 -15.85 0.36
CA GLU A 3 5.09 -15.75 -0.82
C GLU A 3 5.36 -14.28 -1.15
N LEU A 4 6.51 -13.80 -0.78
CA LEU A 4 6.85 -12.37 -1.07
C LEU A 4 7.53 -12.23 -2.44
N LEU A 5 7.44 -13.25 -3.25
CA LEU A 5 8.07 -13.18 -4.60
C LEU A 5 7.02 -12.92 -5.67
N GLU A 6 5.78 -13.00 -5.29
CA GLU A 6 4.67 -12.76 -6.25
C GLU A 6 4.21 -11.31 -6.19
N LEU A 7 3.61 -10.82 -7.24
CA LEU A 7 3.13 -9.40 -7.25
C LEU A 7 1.99 -9.21 -6.25
N ASP A 8 1.41 -10.28 -5.77
CA ASP A 8 0.29 -10.16 -4.80
C ASP A 8 0.81 -9.57 -3.48
N LYS A 9 1.74 -10.23 -2.85
CA LYS A 9 2.28 -9.70 -1.56
C LYS A 9 2.91 -8.32 -1.78
N TRP A 10 3.48 -8.10 -2.94
CA TRP A 10 4.11 -6.78 -3.21
C TRP A 10 3.05 -5.77 -3.70
N ALA A 11 1.93 -6.25 -4.14
CA ALA A 11 0.88 -5.32 -4.66
C ALA A 11 0.34 -4.42 -3.54
N SER A 12 0.21 -4.96 -2.35
CA SER A 12 -0.31 -4.14 -1.22
C SER A 12 0.70 -3.06 -0.85
N LEU A 13 1.92 -3.18 -1.31
CA LEU A 13 2.94 -2.15 -0.98
C LEU A 13 2.87 -1.01 -1.98
N TRP A 14 2.76 -1.33 -3.25
CA TRP A 14 2.67 -0.25 -4.28
C TRP A 14 1.50 0.68 -3.92
N ALA A 15 0.47 0.13 -3.32
CA ALA A 15 -0.69 0.96 -2.93
C ALA A 15 -0.35 1.83 -1.71
N TRP A 16 0.65 1.42 -0.96
CA TRP A 16 1.03 2.15 0.28
C TRP A 16 1.37 3.62 0.00
N PHE A 17 2.24 3.89 -0.91
CA PHE A 17 2.62 5.30 -1.19
C PHE A 17 1.38 6.16 -1.53
N ALA A 18 0.51 5.67 -2.36
CA ALA A 18 -0.70 6.48 -2.75
C ALA A 18 -1.75 6.52 -1.63
N ILE A 19 -1.42 6.13 -0.43
CA ILE A 19 -2.43 6.17 0.68
C ILE A 19 -2.67 7.61 1.11
N THR A 20 -3.20 8.40 0.23
CA THR A 20 -3.49 9.83 0.57
C THR A 20 -4.84 9.95 1.25
N ASN A 21 -5.20 8.97 2.04
CA ASN A 21 -6.49 9.02 2.76
C ASN A 21 -6.31 9.78 4.08
N TRP A 22 -5.09 10.13 4.40
CA TRP A 22 -4.84 10.88 5.68
C TRP A 22 -4.82 12.39 5.42
N LEU A 23 -4.84 12.77 4.17
CA LEU A 23 -4.81 14.23 3.82
C LEU A 23 -6.14 14.89 4.15
N TRP A 24 -7.22 14.16 4.11
CA TRP A 24 -8.55 14.77 4.41
C TRP A 24 -8.59 15.28 5.86
N TYR A 25 -7.73 14.79 6.71
CA TYR A 25 -7.72 15.29 8.12
C TYR A 25 -7.52 16.80 8.10
N ILE A 26 -6.92 17.32 7.06
CA ILE A 26 -6.71 18.79 6.98
C ILE A 26 -7.72 19.40 6.02
N LYS A 27 -8.83 19.83 6.53
CA LYS A 27 -9.89 20.44 5.67
C LYS A 27 -9.70 21.96 5.60
N GLU A 1 -0.39 -21.38 -3.02
CA GLU A 1 -0.25 -19.98 -3.55
C GLU A 1 1.10 -19.83 -4.26
N GLN A 2 1.49 -18.62 -4.57
CA GLN A 2 2.79 -18.41 -5.27
C GLN A 2 3.83 -17.84 -4.30
N GLU A 3 4.89 -17.28 -4.81
CA GLU A 3 5.94 -16.71 -3.92
C GLU A 3 5.72 -15.20 -3.75
N LEU A 4 6.77 -14.46 -3.55
CA LEU A 4 6.62 -12.98 -3.39
C LEU A 4 6.79 -12.26 -4.72
N LEU A 5 6.73 -12.98 -5.80
CA LEU A 5 6.90 -12.35 -7.15
C LEU A 5 5.53 -12.05 -7.77
N GLU A 6 4.48 -12.30 -7.04
CA GLU A 6 3.11 -12.03 -7.57
C GLU A 6 2.75 -10.56 -7.36
N LEU A 7 2.08 -9.97 -8.32
CA LEU A 7 1.69 -8.54 -8.19
C LEU A 7 0.78 -8.34 -6.98
N ASP A 8 0.18 -9.39 -6.50
CA ASP A 8 -0.73 -9.26 -5.32
C ASP A 8 0.07 -8.85 -4.08
N LYS A 9 1.08 -9.61 -3.74
CA LYS A 9 1.90 -9.25 -2.54
C LYS A 9 2.57 -7.89 -2.75
N TRP A 10 2.94 -7.58 -3.96
CA TRP A 10 3.60 -6.27 -4.23
C TRP A 10 2.55 -5.17 -4.45
N ALA A 11 1.31 -5.54 -4.68
CA ALA A 11 0.28 -4.50 -4.92
C ALA A 11 -0.01 -3.70 -3.65
N SER A 12 0.01 -4.33 -2.51
CA SER A 12 -0.27 -3.58 -1.24
C SER A 12 0.82 -2.54 -0.99
N LEU A 13 1.94 -2.64 -1.66
CA LEU A 13 3.02 -1.65 -1.47
C LEU A 13 2.68 -0.38 -2.24
N TRP A 14 2.21 -0.52 -3.46
CA TRP A 14 1.84 0.66 -4.27
C TRP A 14 0.72 1.41 -3.55
N ALA A 15 -0.15 0.68 -2.88
CA ALA A 15 -1.26 1.34 -2.14
C ALA A 15 -0.69 2.08 -0.93
N TRP A 16 0.39 1.56 -0.38
CA TRP A 16 1.01 2.18 0.81
C TRP A 16 1.61 3.54 0.47
N PHE A 17 2.39 3.65 -0.57
CA PHE A 17 2.98 4.98 -0.90
C PHE A 17 1.86 6.03 -1.00
N ALA A 18 0.81 5.71 -1.70
CA ALA A 18 -0.32 6.67 -1.87
C ALA A 18 -1.33 6.61 -0.70
N ILE A 19 -0.90 6.22 0.46
CA ILE A 19 -1.84 6.14 1.62
C ILE A 19 -2.33 7.52 2.01
N THR A 20 -3.17 8.07 1.20
CA THR A 20 -3.73 9.41 1.49
C THR A 20 -4.98 9.30 2.36
N ASN A 21 -5.01 8.35 3.24
CA ASN A 21 -6.20 8.21 4.13
C ASN A 21 -6.11 9.26 5.23
N TRP A 22 -4.92 9.74 5.50
CA TRP A 22 -4.78 10.80 6.56
C TRP A 22 -4.69 12.18 5.91
N LEU A 23 -4.15 12.24 4.73
CA LEU A 23 -4.01 13.53 4.01
C LEU A 23 -5.40 14.10 3.65
N TRP A 24 -6.37 13.24 3.44
CA TRP A 24 -7.73 13.73 3.10
C TRP A 24 -8.30 14.58 4.23
N TYR A 25 -7.82 14.41 5.43
CA TYR A 25 -8.35 15.24 6.55
C TYR A 25 -8.13 16.72 6.22
N ILE A 26 -7.15 17.01 5.39
CA ILE A 26 -6.90 18.43 5.02
C ILE A 26 -7.42 18.69 3.60
N LYS A 27 -8.63 19.13 3.50
CA LYS A 27 -9.22 19.41 2.16
C LYS A 27 -8.63 20.70 1.57
#